data_1H7A
#
_entry.id   1H7A
#
_cell.length_a   98.360
_cell.length_b   98.360
_cell.length_c   244.120
_cell.angle_alpha   90.00
_cell.angle_beta   90.00
_cell.angle_gamma   90.00
#
_symmetry.space_group_name_H-M   'P 43 21 2'
#
loop_
_entity.id
_entity.type
_entity.pdbx_description
1 polymer 'ANAEROBIC RIBONUCLEOTIDE-TRIPHOSPHATE REDUCTASE LARGE CHAIN'
2 non-polymer "2'-DEOXYADENOSINE 5'-TRIPHOSPHATE"
3 non-polymer 'FE (II) ION'
4 non-polymer 'MAGNESIUM ION'
5 water water
#
_entity_poly.entity_id   1
_entity_poly.type   'polypeptide(L)'
_entity_poly.pdbx_seq_one_letter_code
;MTIEKEIEGLIHKTNKDLLNENANKDSRVFPTQRDLMAGIVSKHIAKNMVPSFIMKAHESGIIHVHDIDYSPALPFTNCC
LVDLKGMLENGFKLGNAQIETPKSIGVATAIMAQITAQVASHQYGGTTFANVDKVLSPYVKRTYAKHIEDAEKWQIADAL
NYAQSKTEKDVYDAFQAYEYEVNTLFSSNGQTPFVTITFGTGTDWTERMIQKAILKNRIKGLGRDGITPIFPKLVMFVEE
GVNLYKDDPNYDIKQLALECASKRMYPDIISAKNNKAITGSSVPVSPMGCRSFLSVWKDSTGNEILDGRNNLGVVTLNLP
RIALDSYIGTQFNEQKFVELFNERMDLCFEALMCRISSLKGVKATVAPILYQEGAFGVRLKPDDDIIELFKNGRSSVSLG
YIGIHELNILVGRDIGREILTKMNAHLKQWTERTGFAFSLYSTPAENLCYRFCKLDTEKYGSVKDVTDKGWYTNSFHVSV
EENITPFEKISREAPYHFIATGGHISYVELPDMKNNLKGLEAVWDYAAQHLDYFGVNMPVDKCFTCGSTHEMTPTENGFV
CSICGETDPKKMNTIRRTCAYLGNPNERGFNLGKNKEIMHRVKHQ
;
_entity_poly.pdbx_strand_id   A
#
# COMPACT_ATOMS: atom_id res chain seq x y z
N SER A 27 -21.34 -8.07 -1.00
CA SER A 27 -21.65 -8.04 -2.48
C SER A 27 -23.16 -7.89 -2.84
N ARG A 28 -24.06 -8.29 -1.93
CA ARG A 28 -25.49 -8.13 -2.17
C ARG A 28 -25.87 -6.84 -1.44
N VAL A 29 -24.96 -6.39 -0.57
CA VAL A 29 -25.10 -5.18 0.22
C VAL A 29 -25.38 -3.99 -0.69
N PHE A 30 -26.32 -3.15 -0.29
CA PHE A 30 -26.71 -2.00 -1.10
C PHE A 30 -25.64 -1.13 -1.70
N PRO A 31 -24.82 -0.45 -0.87
CA PRO A 31 -23.75 0.45 -1.35
C PRO A 31 -22.90 -0.17 -2.46
N THR A 32 -22.72 -1.48 -2.36
CA THR A 32 -21.98 -2.23 -3.34
C THR A 32 -22.82 -2.37 -4.61
N GLN A 33 -24.09 -2.73 -4.49
CA GLN A 33 -24.94 -2.83 -5.68
C GLN A 33 -24.83 -1.53 -6.45
N ARG A 34 -24.97 -0.43 -5.71
CA ARG A 34 -24.92 0.88 -6.30
C ARG A 34 -23.59 1.15 -6.96
N ASP A 35 -22.49 0.81 -6.29
CA ASP A 35 -21.19 1.06 -6.88
C ASP A 35 -21.12 0.32 -8.20
N LEU A 36 -21.53 -0.95 -8.17
CA LEU A 36 -21.59 -1.83 -9.34
C LEU A 36 -22.29 -1.14 -10.53
N MET A 37 -23.45 -0.54 -10.26
CA MET A 37 -24.15 0.15 -11.31
C MET A 37 -23.25 1.20 -11.94
N ALA A 38 -22.64 2.03 -11.11
CA ALA A 38 -21.76 3.06 -11.61
C ALA A 38 -20.55 2.43 -12.29
N GLY A 39 -20.26 1.17 -11.96
CA GLY A 39 -19.13 0.51 -12.57
C GLY A 39 -19.45 0.10 -14.00
N ILE A 40 -20.60 -0.54 -14.16
CA ILE A 40 -21.06 -0.97 -15.47
C ILE A 40 -21.14 0.28 -16.38
N VAL A 41 -21.74 1.35 -15.88
CA VAL A 41 -21.85 2.56 -16.68
C VAL A 41 -20.46 3.10 -17.01
N SER A 42 -19.55 3.00 -16.07
CA SER A 42 -18.22 3.53 -16.34
C SER A 42 -17.48 2.74 -17.41
N LYS A 43 -17.49 1.41 -17.33
CA LYS A 43 -16.80 0.59 -18.33
C LYS A 43 -17.42 0.87 -19.66
N HIS A 44 -18.72 1.08 -19.67
CA HIS A 44 -19.38 1.36 -20.93
C HIS A 44 -18.84 2.65 -21.54
N ILE A 45 -18.79 3.70 -20.76
CA ILE A 45 -18.27 4.96 -21.22
C ILE A 45 -16.79 4.83 -21.63
N ALA A 46 -16.05 3.94 -20.98
CA ALA A 46 -14.63 3.77 -21.29
C ALA A 46 -14.50 3.15 -22.66
N LYS A 47 -15.37 2.18 -22.93
CA LYS A 47 -15.40 1.47 -24.20
C LYS A 47 -15.50 2.53 -25.29
N ASN A 48 -16.14 3.65 -24.98
CA ASN A 48 -16.31 4.70 -25.94
C ASN A 48 -15.23 5.76 -25.91
N MET A 49 -14.55 5.93 -24.79
CA MET A 49 -13.54 6.97 -24.75
C MET A 49 -12.19 6.43 -25.14
N VAL A 50 -11.88 5.24 -24.66
CA VAL A 50 -10.59 4.64 -24.94
C VAL A 50 -10.45 4.12 -26.37
N PRO A 51 -9.37 4.52 -27.05
CA PRO A 51 -9.10 4.10 -28.42
C PRO A 51 -9.24 2.57 -28.56
N SER A 52 -9.95 2.17 -29.59
CA SER A 52 -10.17 0.76 -29.83
C SER A 52 -8.95 -0.16 -29.65
N PHE A 53 -7.79 0.23 -30.17
CA PHE A 53 -6.63 -0.64 -30.03
C PHE A 53 -6.17 -0.84 -28.60
N ILE A 54 -6.42 0.13 -27.72
CA ILE A 54 -5.97 -0.01 -26.33
C ILE A 54 -6.91 -0.93 -25.58
N MET A 55 -8.21 -0.75 -25.81
CA MET A 55 -9.21 -1.60 -25.19
C MET A 55 -8.99 -3.02 -25.65
N LYS A 56 -8.76 -3.20 -26.94
CA LYS A 56 -8.54 -4.52 -27.45
C LYS A 56 -7.40 -5.19 -26.71
N ALA A 57 -6.30 -4.48 -26.52
CA ALA A 57 -5.17 -5.09 -25.83
C ALA A 57 -5.53 -5.45 -24.40
N HIS A 58 -6.33 -4.59 -23.76
CA HIS A 58 -6.77 -4.82 -22.38
C HIS A 58 -7.67 -6.04 -22.32
N GLU A 59 -8.60 -6.10 -23.26
CA GLU A 59 -9.54 -7.20 -23.36
C GLU A 59 -8.81 -8.52 -23.52
N SER A 60 -7.67 -8.51 -24.20
CA SER A 60 -6.99 -9.77 -24.40
C SER A 60 -5.82 -10.10 -23.51
N GLY A 61 -5.51 -9.27 -22.54
CA GLY A 61 -4.42 -9.62 -21.66
C GLY A 61 -3.01 -9.27 -22.06
N ILE A 62 -2.87 -8.45 -23.09
CA ILE A 62 -1.54 -8.06 -23.49
C ILE A 62 -1.13 -7.09 -22.41
N ILE A 63 -2.02 -6.13 -22.15
CA ILE A 63 -1.79 -5.12 -21.11
C ILE A 63 -3.00 -5.22 -20.21
N HIS A 64 -3.07 -4.33 -19.24
CA HIS A 64 -4.20 -4.32 -18.34
C HIS A 64 -4.43 -2.92 -17.87
N VAL A 65 -5.50 -2.29 -18.32
CA VAL A 65 -5.77 -0.94 -17.86
C VAL A 65 -6.53 -1.03 -16.53
N HIS A 66 -5.85 -0.70 -15.45
CA HIS A 66 -6.41 -0.77 -14.09
C HIS A 66 -7.48 0.28 -13.91
N ASP A 67 -8.46 -0.04 -13.05
CA ASP A 67 -9.59 0.84 -12.72
C ASP A 67 -10.45 1.37 -13.89
N ILE A 68 -10.69 0.53 -14.88
CA ILE A 68 -11.46 0.96 -16.02
C ILE A 68 -12.91 1.23 -15.57
N ASP A 69 -13.22 0.86 -14.32
CA ASP A 69 -14.56 1.08 -13.75
C ASP A 69 -14.71 2.42 -13.01
N TYR A 70 -13.67 3.25 -13.07
CA TYR A 70 -13.67 4.61 -12.53
C TYR A 70 -13.14 5.54 -13.62
N SER A 71 -11.90 5.31 -14.04
CA SER A 71 -11.23 6.15 -15.04
C SER A 71 -11.18 5.44 -16.38
N PRO A 72 -11.33 6.17 -17.49
CA PRO A 72 -11.53 7.61 -17.67
C PRO A 72 -12.96 8.16 -17.67
N ALA A 73 -13.96 7.37 -17.26
CA ALA A 73 -15.33 7.84 -17.25
C ALA A 73 -15.43 9.12 -16.44
N LEU A 74 -14.75 9.16 -15.30
CA LEU A 74 -14.71 10.37 -14.46
C LEU A 74 -13.21 10.60 -14.20
N PRO A 75 -12.76 11.85 -14.05
CA PRO A 75 -11.33 12.10 -13.83
C PRO A 75 -10.73 11.71 -12.51
N PHE A 76 -10.92 10.47 -12.07
CA PHE A 76 -10.30 10.11 -10.79
C PHE A 76 -8.81 9.97 -10.96
N THR A 77 -8.13 9.93 -9.82
CA THR A 77 -6.71 9.72 -9.78
C THR A 77 -6.61 8.46 -8.95
N ASN A 78 -5.38 8.03 -8.71
CA ASN A 78 -5.15 6.79 -8.03
C ASN A 78 -5.01 6.81 -6.54
N CYS A 79 -3.77 6.93 -6.08
CA CYS A 79 -3.48 6.93 -4.66
C CYS A 79 -2.80 8.23 -4.19
N CYS A 80 -2.30 8.26 -2.96
CA CYS A 80 -1.64 9.47 -2.44
C CYS A 80 -1.18 9.42 -0.99
N LEU A 81 -0.38 10.44 -0.66
CA LEU A 81 0.10 10.67 0.69
C LEU A 81 -0.67 11.91 1.09
N VAL A 82 -1.63 11.76 1.97
CA VAL A 82 -2.43 12.92 2.42
C VAL A 82 -1.54 13.91 3.19
N ASP A 83 -1.64 15.20 2.90
CA ASP A 83 -0.83 16.16 3.65
C ASP A 83 -1.63 16.56 4.89
N LEU A 84 -1.61 15.67 5.88
CA LEU A 84 -2.34 15.86 7.14
C LEU A 84 -1.78 17.03 7.95
N LYS A 85 -0.45 17.18 7.97
CA LYS A 85 0.17 18.29 8.70
C LYS A 85 -0.43 19.60 8.16
N GLY A 86 -0.53 19.72 6.85
CA GLY A 86 -1.08 20.93 6.28
C GLY A 86 -2.51 21.23 6.68
N MET A 87 -3.37 20.24 6.58
CA MET A 87 -4.75 20.44 6.92
C MET A 87 -4.97 20.76 8.37
N LEU A 88 -4.44 19.92 9.27
CA LEU A 88 -4.60 20.13 10.70
C LEU A 88 -3.94 21.40 11.18
N GLU A 89 -2.80 21.72 10.59
CA GLU A 89 -2.06 22.91 10.97
C GLU A 89 -2.92 24.10 10.69
N ASN A 90 -3.13 24.39 9.41
CA ASN A 90 -3.98 25.49 9.00
C ASN A 90 -5.37 24.92 9.20
N GLY A 91 -6.40 25.57 8.69
CA GLY A 91 -7.71 24.96 8.89
C GLY A 91 -8.08 24.25 7.61
N PHE A 92 -9.33 23.81 7.51
CA PHE A 92 -9.80 23.21 6.28
C PHE A 92 -11.25 22.83 6.38
N LYS A 93 -11.93 22.84 5.25
CA LYS A 93 -13.31 22.49 5.20
C LYS A 93 -13.44 21.04 4.83
N LEU A 94 -14.26 20.34 5.60
CA LEU A 94 -14.52 18.93 5.38
C LEU A 94 -16.03 18.77 5.43
N GLY A 95 -16.66 18.50 4.30
CA GLY A 95 -18.09 18.33 4.31
C GLY A 95 -18.64 19.74 4.48
N ASN A 96 -19.33 19.98 5.59
CA ASN A 96 -19.90 21.30 5.84
C ASN A 96 -19.15 22.06 6.93
N ALA A 97 -18.32 21.33 7.67
CA ALA A 97 -17.54 21.88 8.78
C ALA A 97 -16.20 22.50 8.40
N GLN A 98 -16.01 23.76 8.79
CA GLN A 98 -14.75 24.45 8.54
C GLN A 98 -13.95 24.13 9.77
N ILE A 99 -13.26 23.00 9.76
CA ILE A 99 -12.47 22.56 10.90
C ILE A 99 -11.31 23.45 11.28
N GLU A 100 -11.07 23.50 12.59
CA GLU A 100 -9.98 24.28 13.14
C GLU A 100 -8.96 23.31 13.69
N THR A 101 -7.77 23.81 13.94
CA THR A 101 -6.71 22.96 14.44
C THR A 101 -7.09 22.23 15.70
N PRO A 102 -6.91 20.91 15.73
CA PRO A 102 -7.26 20.13 16.93
C PRO A 102 -6.59 20.70 18.19
N LYS A 103 -7.33 20.72 19.30
CA LYS A 103 -6.81 21.19 20.58
C LYS A 103 -6.68 19.95 21.46
N SER A 104 -6.73 18.78 20.86
CA SER A 104 -6.65 17.58 21.64
C SER A 104 -6.27 16.41 20.74
N ILE A 105 -5.60 15.40 21.27
CA ILE A 105 -5.19 14.28 20.43
C ILE A 105 -6.32 13.45 19.87
N GLY A 106 -7.33 13.17 20.69
CA GLY A 106 -8.47 12.37 20.23
C GLY A 106 -9.21 12.97 19.05
N VAL A 107 -9.32 14.28 19.05
CA VAL A 107 -10.00 14.97 17.98
C VAL A 107 -9.21 14.92 16.70
N ALA A 108 -7.90 14.91 16.80
CA ALA A 108 -7.10 14.83 15.59
C ALA A 108 -7.26 13.45 14.94
N THR A 109 -7.27 12.37 15.71
CA THR A 109 -7.40 11.06 15.10
C THR A 109 -8.82 10.81 14.71
N ALA A 110 -9.65 11.83 14.86
CA ALA A 110 -11.03 11.67 14.48
C ALA A 110 -11.05 12.29 13.11
N ILE A 111 -10.66 13.55 13.07
CA ILE A 111 -10.60 14.28 11.84
C ILE A 111 -9.81 13.42 10.84
N MET A 112 -8.82 12.69 11.33
CA MET A 112 -8.03 11.84 10.45
C MET A 112 -8.89 10.70 9.91
N ALA A 113 -9.65 10.04 10.78
CA ALA A 113 -10.52 8.95 10.34
C ALA A 113 -11.56 9.48 9.36
N GLN A 114 -12.00 10.72 9.55
CA GLN A 114 -12.98 11.35 8.67
C GLN A 114 -12.37 11.69 7.32
N ILE A 115 -11.11 12.13 7.35
CA ILE A 115 -10.41 12.48 6.14
C ILE A 115 -10.14 11.21 5.36
N THR A 116 -9.76 10.15 6.08
CA THR A 116 -9.47 8.87 5.47
C THR A 116 -10.66 8.45 4.61
N ALA A 117 -11.85 8.65 5.17
CA ALA A 117 -13.06 8.29 4.48
C ALA A 117 -13.30 9.20 3.25
N GLN A 118 -13.28 10.51 3.43
CA GLN A 118 -13.49 11.42 2.32
C GLN A 118 -12.53 11.26 1.11
N VAL A 119 -11.27 10.97 1.41
CA VAL A 119 -10.24 10.83 0.40
C VAL A 119 -10.47 9.52 -0.28
N ALA A 120 -10.71 8.48 0.50
CA ALA A 120 -10.99 7.20 -0.14
C ALA A 120 -12.18 7.37 -1.12
N SER A 121 -13.09 8.29 -0.85
CA SER A 121 -14.21 8.47 -1.75
C SER A 121 -14.00 9.41 -2.95
N HIS A 122 -12.79 9.93 -3.16
CA HIS A 122 -12.53 10.82 -4.31
C HIS A 122 -11.41 10.37 -5.20
N GLN A 123 -10.99 9.13 -4.99
CA GLN A 123 -9.95 8.53 -5.81
C GLN A 123 -10.18 7.03 -5.69
N TYR A 124 -9.78 6.26 -6.70
CA TYR A 124 -9.97 4.82 -6.69
C TYR A 124 -8.76 4.05 -6.16
N GLY A 125 -7.87 4.72 -5.44
CA GLY A 125 -6.69 4.02 -4.96
C GLY A 125 -6.44 4.18 -3.48
N GLY A 126 -5.45 3.47 -2.98
CA GLY A 126 -5.13 3.55 -1.56
C GLY A 126 -4.78 4.94 -1.08
N THR A 127 -4.95 5.14 0.21
CA THR A 127 -4.67 6.43 0.77
C THR A 127 -3.77 6.23 1.99
N THR A 128 -2.74 7.05 2.07
CA THR A 128 -1.73 6.93 3.11
C THR A 128 -1.49 8.17 3.97
N PHE A 129 -1.33 7.95 5.28
CA PHE A 129 -1.01 9.03 6.22
C PHE A 129 0.35 8.72 6.72
N ALA A 130 1.34 9.39 6.14
CA ALA A 130 2.74 9.21 6.48
C ALA A 130 3.25 9.91 7.74
N ASN A 131 3.91 9.13 8.59
CA ASN A 131 4.48 9.67 9.82
C ASN A 131 3.46 10.29 10.74
N VAL A 132 2.51 9.47 11.19
CA VAL A 132 1.48 9.97 12.07
C VAL A 132 2.14 10.32 13.39
N ASP A 133 3.21 9.60 13.74
CA ASP A 133 3.99 9.85 14.97
C ASP A 133 4.47 11.32 15.03
N LYS A 134 5.04 11.79 13.92
CA LYS A 134 5.53 13.16 13.86
C LYS A 134 4.44 14.20 13.56
N VAL A 135 3.44 13.84 12.75
CA VAL A 135 2.44 14.84 12.39
C VAL A 135 1.50 15.07 13.53
N LEU A 136 1.16 13.97 14.19
CA LEU A 136 0.24 14.05 15.30
C LEU A 136 0.89 14.40 16.63
N SER A 137 2.22 14.44 16.67
CA SER A 137 2.92 14.78 17.91
C SER A 137 2.37 16.02 18.62
N PRO A 138 2.29 17.17 17.93
CA PRO A 138 1.78 18.41 18.53
C PRO A 138 0.54 18.19 19.35
N TYR A 139 -0.39 17.43 18.80
CA TYR A 139 -1.65 17.21 19.49
C TYR A 139 -1.60 16.37 20.76
N VAL A 140 -0.47 15.68 20.98
CA VAL A 140 -0.29 14.92 22.21
C VAL A 140 0.24 15.97 23.20
N LYS A 141 1.06 16.87 22.67
CA LYS A 141 1.62 17.93 23.45
C LYS A 141 0.55 18.90 23.91
N ARG A 142 -0.67 18.72 23.42
CA ARG A 142 -1.72 19.61 23.84
C ARG A 142 -2.57 18.90 24.84
N THR A 143 -2.74 17.60 24.67
CA THR A 143 -3.52 16.83 25.61
C THR A 143 -2.73 16.87 26.91
N TYR A 144 -1.41 16.92 26.80
CA TYR A 144 -0.55 16.96 27.99
C TYR A 144 -0.73 18.33 28.67
N ALA A 145 -0.54 19.40 27.91
CA ALA A 145 -0.69 20.76 28.45
C ALA A 145 -1.98 20.82 29.23
N LYS A 146 -3.06 20.40 28.59
CA LYS A 146 -4.39 20.41 29.17
C LYS A 146 -4.43 19.66 30.49
N HIS A 147 -3.74 18.54 30.57
CA HIS A 147 -3.75 17.76 31.81
C HIS A 147 -2.87 18.35 32.92
N ILE A 148 -1.78 19.00 32.52
CA ILE A 148 -0.89 19.63 33.49
C ILE A 148 -1.68 20.80 34.08
N GLU A 149 -2.32 21.57 33.22
CA GLU A 149 -3.09 22.68 33.72
C GLU A 149 -4.28 22.21 34.56
N ASP A 150 -4.55 20.91 34.55
CA ASP A 150 -5.66 20.35 35.32
C ASP A 150 -5.19 19.81 36.66
N ALA A 151 -4.01 19.23 36.72
CA ALA A 151 -3.51 18.74 38.00
C ALA A 151 -3.24 19.99 38.81
N GLU A 152 -2.97 21.08 38.10
CA GLU A 152 -2.68 22.37 38.70
C GLU A 152 -3.96 23.15 39.06
N LYS A 153 -5.09 22.75 38.50
CA LYS A 153 -6.31 23.45 38.82
C LYS A 153 -6.97 22.77 40.01
N TRP A 154 -6.90 21.45 40.05
CA TRP A 154 -7.53 20.69 41.12
C TRP A 154 -6.57 20.33 42.23
N GLN A 155 -5.41 21.00 42.25
CA GLN A 155 -4.40 20.76 43.26
C GLN A 155 -4.16 19.26 43.43
N ILE A 156 -3.56 18.63 42.43
CA ILE A 156 -3.33 17.20 42.51
C ILE A 156 -1.93 16.89 42.98
N ALA A 157 -1.80 15.84 43.77
CA ALA A 157 -0.53 15.41 44.31
C ALA A 157 0.52 15.45 43.23
N ASP A 158 0.56 14.38 42.45
CA ASP A 158 1.51 14.24 41.35
C ASP A 158 1.19 15.11 40.14
N ALA A 159 1.93 16.18 39.94
CA ALA A 159 1.68 17.00 38.77
C ALA A 159 2.13 16.15 37.58
N LEU A 160 3.41 16.25 37.26
CA LEU A 160 4.00 15.53 36.13
C LEU A 160 3.62 14.06 36.04
N ASN A 161 2.99 13.52 37.07
CA ASN A 161 2.66 12.12 37.01
C ASN A 161 1.22 11.90 36.57
N TYR A 162 0.35 12.82 36.93
CA TYR A 162 -1.05 12.74 36.56
C TYR A 162 -1.02 12.87 35.07
N ALA A 163 -0.56 14.03 34.62
CA ALA A 163 -0.43 14.34 33.21
C ALA A 163 0.08 13.14 32.40
N GLN A 164 1.27 12.64 32.72
CA GLN A 164 1.79 11.48 32.02
C GLN A 164 0.68 10.47 31.81
N SER A 165 0.22 9.89 32.91
CA SER A 165 -0.83 8.88 32.84
C SER A 165 -2.02 9.30 32.00
N LYS A 166 -2.75 10.34 32.39
CA LYS A 166 -3.89 10.78 31.59
C LYS A 166 -3.51 10.84 30.11
N THR A 167 -2.42 11.52 29.80
CA THR A 167 -1.98 11.67 28.41
C THR A 167 -1.70 10.31 27.75
N GLU A 168 -1.07 9.39 28.47
CA GLU A 168 -0.78 8.09 27.90
C GLU A 168 -2.07 7.38 27.49
N LYS A 169 -3.11 7.59 28.28
CA LYS A 169 -4.43 7.01 28.06
C LYS A 169 -5.13 7.71 26.90
N ASP A 170 -5.29 9.02 27.00
CA ASP A 170 -5.93 9.79 25.94
C ASP A 170 -5.40 9.29 24.58
N VAL A 171 -4.08 9.15 24.48
CA VAL A 171 -3.45 8.69 23.24
C VAL A 171 -3.77 7.26 22.84
N TYR A 172 -3.82 6.33 23.79
CA TYR A 172 -4.16 4.96 23.42
C TYR A 172 -5.59 4.98 22.86
N ASP A 173 -6.51 5.60 23.59
CA ASP A 173 -7.91 5.72 23.17
C ASP A 173 -8.02 6.34 21.78
N ALA A 174 -7.23 7.38 21.54
CA ALA A 174 -7.22 8.12 20.27
C ALA A 174 -6.87 7.26 19.07
N PHE A 175 -5.98 6.31 19.27
CA PHE A 175 -5.60 5.47 18.19
C PHE A 175 -6.44 4.23 18.16
N GLN A 176 -7.21 4.03 19.21
CA GLN A 176 -8.08 2.89 19.23
C GLN A 176 -9.34 3.35 18.51
N ALA A 177 -9.59 4.65 18.56
CA ALA A 177 -10.73 5.22 17.87
C ALA A 177 -10.41 5.07 16.38
N TYR A 178 -9.28 5.63 15.96
CA TYR A 178 -8.87 5.54 14.57
C TYR A 178 -8.92 4.09 14.10
N GLU A 179 -8.22 3.20 14.79
CA GLU A 179 -8.22 1.79 14.38
C GLU A 179 -9.61 1.27 14.06
N TYR A 180 -10.57 1.60 14.92
CA TYR A 180 -11.95 1.17 14.74
C TYR A 180 -12.67 1.95 13.65
N GLU A 181 -12.60 3.27 13.70
CA GLU A 181 -13.29 4.07 12.70
C GLU A 181 -12.93 3.76 11.26
N VAL A 182 -11.72 3.29 11.04
CA VAL A 182 -11.30 2.94 9.70
C VAL A 182 -12.01 1.64 9.35
N ASN A 183 -12.40 0.88 10.35
CA ASN A 183 -13.09 -0.38 10.08
C ASN A 183 -14.62 -0.27 10.17
N THR A 184 -15.13 0.91 10.51
CA THR A 184 -16.56 1.07 10.57
C THR A 184 -17.03 2.14 9.59
N LEU A 185 -16.11 3.01 9.19
CA LEU A 185 -16.45 4.05 8.22
C LEU A 185 -16.37 3.44 6.84
N PHE A 186 -17.27 3.86 5.97
CA PHE A 186 -17.29 3.36 4.61
C PHE A 186 -16.92 4.40 3.59
N SER A 187 -16.38 3.92 2.49
CA SER A 187 -16.03 4.78 1.38
C SER A 187 -17.36 4.83 0.60
N SER A 188 -17.50 5.72 -0.37
CA SER A 188 -18.75 5.79 -1.10
C SER A 188 -19.11 4.50 -1.82
N ASN A 189 -18.13 3.64 -2.05
CA ASN A 189 -18.42 2.41 -2.76
C ASN A 189 -18.83 1.29 -1.84
N GLY A 190 -19.13 1.70 -0.61
CA GLY A 190 -19.58 0.75 0.38
C GLY A 190 -18.48 -0.10 0.94
N GLN A 191 -17.32 0.48 1.14
CA GLN A 191 -16.22 -0.30 1.65
C GLN A 191 -15.35 0.42 2.59
N THR A 192 -14.66 -0.37 3.40
CA THR A 192 -13.71 0.14 4.36
C THR A 192 -12.56 0.76 3.55
N PRO A 193 -12.11 1.96 3.97
CA PRO A 193 -11.01 2.64 3.26
C PRO A 193 -9.73 1.81 3.18
N PHE A 194 -9.06 1.78 2.03
CA PHE A 194 -7.78 1.07 1.95
C PHE A 194 -6.81 2.17 2.40
N VAL A 195 -6.42 2.09 3.66
CA VAL A 195 -5.58 3.10 4.27
C VAL A 195 -4.30 2.55 4.89
N THR A 196 -3.25 3.35 4.75
CA THR A 196 -1.93 3.03 5.27
C THR A 196 -1.43 4.15 6.18
N ILE A 197 -0.93 3.74 7.35
CA ILE A 197 -0.39 4.59 8.40
C ILE A 197 1.10 4.24 8.56
N THR A 198 1.99 5.22 8.49
CA THR A 198 3.41 4.88 8.71
C THR A 198 4.01 5.68 9.86
N PHE A 199 5.05 5.12 10.47
CA PHE A 199 5.70 5.75 11.58
C PHE A 199 7.07 5.15 11.85
N GLY A 200 7.74 5.67 12.88
CA GLY A 200 9.03 5.10 13.24
C GLY A 200 10.24 6.00 13.34
N THR A 201 10.25 7.09 12.58
CA THR A 201 11.37 8.00 12.61
C THR A 201 11.15 9.14 13.60
N GLY A 202 10.71 8.82 14.81
CA GLY A 202 10.46 9.88 15.76
C GLY A 202 10.90 9.41 17.12
N THR A 203 11.59 10.29 17.85
CA THR A 203 12.08 9.90 19.16
C THR A 203 11.51 10.71 20.28
N ASP A 204 11.01 11.89 19.95
CA ASP A 204 10.41 12.74 20.95
C ASP A 204 9.50 11.85 21.79
N TRP A 205 9.27 12.18 23.06
CA TRP A 205 8.42 11.30 23.87
C TRP A 205 6.99 11.17 23.34
N THR A 206 6.46 12.26 22.79
CA THR A 206 5.12 12.25 22.21
C THR A 206 5.10 11.28 21.00
N GLU A 207 6.10 11.43 20.11
CA GLU A 207 6.24 10.56 18.93
C GLU A 207 6.38 9.10 19.31
N ARG A 208 7.16 8.82 20.36
CA ARG A 208 7.32 7.44 20.79
C ARG A 208 5.99 6.97 21.32
N MET A 209 5.28 7.88 21.99
CA MET A 209 3.98 7.50 22.57
C MET A 209 2.96 7.05 21.52
N ILE A 210 2.92 7.74 20.39
CA ILE A 210 2.00 7.37 19.34
C ILE A 210 2.39 5.99 18.81
N GLN A 211 3.68 5.78 18.58
CA GLN A 211 4.15 4.51 18.08
C GLN A 211 3.71 3.32 18.94
N LYS A 212 3.87 3.44 20.25
CA LYS A 212 3.47 2.31 21.09
C LYS A 212 1.94 2.25 21.10
N ALA A 213 1.33 3.42 20.95
CA ALA A 213 -0.13 3.51 20.95
C ALA A 213 -0.68 2.69 19.79
N ILE A 214 -0.13 2.93 18.61
CA ILE A 214 -0.55 2.25 17.41
C ILE A 214 -0.34 0.76 17.56
N LEU A 215 0.87 0.39 17.97
CA LEU A 215 1.24 -1.02 18.15
C LEU A 215 0.49 -1.81 19.21
N LYS A 216 0.27 -1.22 20.38
CA LYS A 216 -0.46 -1.94 21.42
C LYS A 216 -1.88 -2.24 20.94
N ASN A 217 -2.52 -1.24 20.36
CA ASN A 217 -3.88 -1.39 19.85
C ASN A 217 -4.02 -2.52 18.85
N ARG A 218 -3.05 -2.63 17.95
CA ARG A 218 -3.10 -3.67 16.95
C ARG A 218 -2.99 -5.02 17.59
N ILE A 219 -2.05 -5.16 18.51
CA ILE A 219 -1.85 -6.42 19.21
C ILE A 219 -3.15 -6.79 19.88
N LYS A 220 -3.78 -5.80 20.50
CA LYS A 220 -5.05 -6.01 21.20
C LYS A 220 -6.06 -6.73 20.31
N GLY A 221 -6.10 -6.37 19.04
CA GLY A 221 -7.05 -7.00 18.14
C GLY A 221 -8.26 -6.12 17.91
N LEU A 222 -9.02 -6.41 16.86
CA LEU A 222 -10.20 -5.62 16.55
C LEU A 222 -11.46 -6.27 17.02
N GLY A 223 -12.15 -5.53 17.89
CA GLY A 223 -13.42 -5.98 18.40
C GLY A 223 -13.43 -6.94 19.56
N ARG A 224 -14.64 -7.36 19.90
CA ARG A 224 -14.89 -8.28 20.99
C ARG A 224 -13.95 -9.46 20.97
N ASP A 225 -13.69 -9.98 19.78
CA ASP A 225 -12.83 -11.15 19.69
C ASP A 225 -11.39 -10.83 19.28
N GLY A 226 -11.01 -9.56 19.42
CA GLY A 226 -9.67 -9.11 19.07
C GLY A 226 -9.09 -9.82 17.86
N ILE A 227 -9.75 -9.67 16.71
CA ILE A 227 -9.29 -10.29 15.48
C ILE A 227 -8.32 -9.39 14.78
N THR A 228 -7.57 -9.97 13.86
CA THR A 228 -6.56 -9.27 13.10
C THR A 228 -7.22 -8.37 12.07
N PRO A 229 -7.11 -7.04 12.24
CA PRO A 229 -7.74 -6.16 11.27
C PRO A 229 -7.01 -6.25 9.96
N ILE A 230 -7.68 -5.94 8.86
CA ILE A 230 -7.01 -5.99 7.59
C ILE A 230 -6.50 -4.60 7.18
N PHE A 231 -7.06 -3.60 7.82
CA PHE A 231 -6.68 -2.23 7.60
C PHE A 231 -6.81 -1.55 8.96
N PRO A 232 -6.07 -0.49 9.21
CA PRO A 232 -5.08 0.17 8.35
C PRO A 232 -3.75 -0.58 8.31
N LYS A 233 -3.06 -0.61 7.17
CA LYS A 233 -1.77 -1.28 7.11
C LYS A 233 -0.83 -0.49 8.03
N LEU A 234 0.17 -1.17 8.57
CA LEU A 234 1.14 -0.52 9.43
C LEU A 234 2.54 -0.68 8.86
N VAL A 235 3.20 0.42 8.49
CA VAL A 235 4.57 0.32 7.99
C VAL A 235 5.47 1.15 8.91
N MET A 236 6.40 0.48 9.59
CA MET A 236 7.34 1.18 10.46
C MET A 236 8.71 1.29 9.78
N PHE A 237 9.31 2.49 9.79
CA PHE A 237 10.63 2.65 9.20
C PHE A 237 11.60 2.19 10.25
N VAL A 238 12.60 1.39 9.89
CA VAL A 238 13.61 0.98 10.88
C VAL A 238 14.91 1.60 10.39
N GLU A 239 15.66 2.21 11.30
CA GLU A 239 16.88 2.88 10.88
C GLU A 239 17.92 2.85 11.97
N GLU A 240 19.18 2.82 11.52
CA GLU A 240 20.30 2.78 12.45
C GLU A 240 20.38 4.05 13.26
N GLY A 241 20.36 3.89 14.58
CA GLY A 241 20.43 5.04 15.45
C GLY A 241 19.05 5.46 15.91
N VAL A 242 18.07 4.62 15.63
CA VAL A 242 16.70 4.92 16.02
C VAL A 242 15.91 3.68 16.38
N ASN A 243 15.85 2.75 15.44
CA ASN A 243 15.03 1.58 15.62
C ASN A 243 15.66 0.24 15.72
N LEU A 244 16.80 0.00 15.07
CA LEU A 244 17.29 -1.38 15.07
C LEU A 244 18.46 -1.91 15.87
N TYR A 245 19.09 -1.12 16.73
CA TYR A 245 20.18 -1.70 17.49
C TYR A 245 19.95 -1.57 18.97
N LYS A 246 20.28 -2.66 19.67
CA LYS A 246 20.13 -2.76 21.12
C LYS A 246 20.21 -1.45 21.90
N ASP A 247 21.07 -0.55 21.46
CA ASP A 247 21.24 0.72 22.15
C ASP A 247 20.36 1.88 21.67
N ASP A 248 20.01 1.89 20.38
CA ASP A 248 19.18 2.96 19.86
C ASP A 248 17.97 3.23 20.75
N PRO A 249 17.54 4.48 20.80
CA PRO A 249 16.40 4.94 21.61
C PRO A 249 15.14 4.10 21.48
N ASN A 250 14.54 4.06 20.30
CA ASN A 250 13.31 3.31 20.14
C ASN A 250 13.52 1.81 19.86
N TYR A 251 14.61 1.23 20.35
CA TYR A 251 14.84 -0.19 20.11
C TYR A 251 13.77 -0.97 20.87
N ASP A 252 13.23 -0.38 21.92
CA ASP A 252 12.20 -1.04 22.68
C ASP A 252 10.95 -1.14 21.79
N ILE A 253 10.75 -0.09 20.98
CA ILE A 253 9.62 -0.03 20.07
C ILE A 253 9.74 -1.14 19.01
N LYS A 254 10.95 -1.35 18.54
CA LYS A 254 11.21 -2.40 17.57
C LYS A 254 10.72 -3.72 18.17
N GLN A 255 10.98 -3.90 19.46
CA GLN A 255 10.58 -5.11 20.15
C GLN A 255 9.08 -5.30 20.23
N LEU A 256 8.35 -4.22 20.47
CA LEU A 256 6.89 -4.27 20.54
C LEU A 256 6.39 -4.52 19.13
N ALA A 257 7.11 -3.94 18.16
CA ALA A 257 6.83 -4.07 16.73
C ALA A 257 6.95 -5.53 16.28
N LEU A 258 8.03 -6.20 16.70
CA LEU A 258 8.25 -7.59 16.35
C LEU A 258 7.14 -8.45 16.95
N GLU A 259 6.71 -8.07 18.14
CA GLU A 259 5.65 -8.80 18.82
C GLU A 259 4.42 -8.63 17.95
N CYS A 260 4.03 -7.38 17.75
CA CYS A 260 2.87 -7.02 16.94
C CYS A 260 2.84 -7.78 15.62
N ALA A 261 3.92 -7.65 14.85
CA ALA A 261 3.98 -8.35 13.58
C ALA A 261 3.80 -9.86 13.72
N SER A 262 4.32 -10.44 14.79
CA SER A 262 4.19 -11.88 14.95
C SER A 262 2.79 -12.29 15.35
N LYS A 263 1.97 -11.31 15.71
CA LYS A 263 0.60 -11.62 16.12
C LYS A 263 -0.45 -11.12 15.16
N ARG A 264 -0.05 -10.22 14.26
CA ARG A 264 -1.02 -9.69 13.33
C ARG A 264 -0.46 -9.32 11.95
N MET A 265 0.68 -9.89 11.58
CA MET A 265 1.31 -9.64 10.29
C MET A 265 1.92 -8.26 10.18
N TYR A 266 1.08 -7.24 10.26
CA TYR A 266 1.60 -5.88 10.19
C TYR A 266 2.25 -5.69 11.55
N PRO A 267 3.16 -4.73 11.66
CA PRO A 267 3.64 -3.80 10.64
C PRO A 267 4.69 -4.33 9.68
N ASP A 268 4.69 -3.80 8.49
CA ASP A 268 5.69 -4.15 7.52
C ASP A 268 6.76 -3.13 7.88
N ILE A 269 8.00 -3.37 7.41
CA ILE A 269 9.06 -2.43 7.66
C ILE A 269 9.68 -1.93 6.37
N ILE A 270 10.24 -0.73 6.44
CA ILE A 270 10.92 -0.09 5.34
C ILE A 270 12.31 0.31 5.83
N SER A 271 13.35 -0.02 5.07
CA SER A 271 14.74 0.32 5.38
C SER A 271 14.93 1.79 5.05
N ALA A 272 15.07 2.63 6.07
CA ALA A 272 15.21 4.06 5.81
C ALA A 272 16.43 4.36 4.96
N LYS A 273 17.47 3.56 5.13
CA LYS A 273 18.70 3.77 4.40
C LYS A 273 18.48 3.55 2.89
N ASN A 274 18.08 2.34 2.53
CA ASN A 274 17.88 2.03 1.13
C ASN A 274 16.72 2.81 0.53
N ASN A 275 15.73 3.12 1.37
CA ASN A 275 14.58 3.85 0.89
C ASN A 275 15.04 5.21 0.40
N LYS A 276 15.74 5.97 1.24
CA LYS A 276 16.21 7.29 0.83
C LYS A 276 17.03 7.17 -0.44
N ALA A 277 17.98 6.25 -0.41
CA ALA A 277 18.86 6.01 -1.53
C ALA A 277 18.11 5.80 -2.83
N ILE A 278 17.12 4.91 -2.79
CA ILE A 278 16.34 4.59 -3.97
C ILE A 278 15.40 5.69 -4.44
N THR A 279 14.79 6.39 -3.49
CA THR A 279 13.85 7.46 -3.84
C THR A 279 14.54 8.76 -4.12
N GLY A 280 15.67 8.97 -3.46
CA GLY A 280 16.33 10.23 -3.69
C GLY A 280 15.83 11.26 -2.69
N SER A 281 14.88 10.89 -1.85
CA SER A 281 14.41 11.86 -0.86
C SER A 281 15.32 11.87 0.37
N SER A 282 15.41 13.02 1.02
CA SER A 282 16.22 13.15 2.22
C SER A 282 15.50 12.60 3.47
N VAL A 283 14.22 12.28 3.31
CA VAL A 283 13.42 11.70 4.39
C VAL A 283 12.77 10.46 3.80
N PRO A 284 12.61 9.40 4.61
CA PRO A 284 12.01 8.13 4.20
C PRO A 284 10.70 8.40 3.46
N VAL A 285 10.49 7.73 2.33
CA VAL A 285 9.30 7.96 1.56
C VAL A 285 8.28 6.89 1.84
N SER A 286 7.12 7.25 2.39
CA SER A 286 6.04 6.29 2.69
C SER A 286 5.28 5.86 1.44
N PRO A 287 4.87 4.59 1.36
CA PRO A 287 4.15 4.19 0.15
C PRO A 287 2.70 4.68 0.05
N MET A 288 2.33 5.22 -1.09
CA MET A 288 0.99 5.66 -1.31
C MET A 288 0.22 4.34 -1.49
N GLY A 289 -0.67 4.02 -0.56
CA GLY A 289 -1.40 2.76 -0.69
C GLY A 289 -0.51 1.57 -0.36
N CYS A 290 -0.70 0.45 -1.07
CA CYS A 290 0.10 -0.76 -0.84
C CYS A 290 1.60 -0.56 -1.04
N ARG A 291 2.04 -0.13 -2.22
CA ARG A 291 3.47 0.07 -2.44
C ARG A 291 3.90 1.00 -3.55
N SER A 292 3.16 2.07 -3.77
CA SER A 292 3.49 3.01 -4.83
C SER A 292 4.41 4.08 -4.23
N PHE A 293 5.70 4.05 -4.59
CA PHE A 293 6.65 5.02 -4.06
C PHE A 293 6.82 6.22 -4.97
N LEU A 294 6.94 7.38 -4.36
CA LEU A 294 7.15 8.62 -5.07
C LEU A 294 8.64 8.73 -5.24
N SER A 295 9.09 9.67 -6.05
CA SER A 295 10.52 9.89 -6.22
C SER A 295 10.67 11.33 -5.71
N VAL A 296 11.86 11.67 -5.22
CA VAL A 296 12.04 13.01 -4.70
C VAL A 296 11.71 14.09 -5.77
N TRP A 297 11.02 15.13 -5.32
CA TRP A 297 10.60 16.24 -6.16
C TRP A 297 10.62 17.53 -5.33
N LYS A 298 10.81 18.68 -5.98
CA LYS A 298 10.87 19.95 -5.24
C LYS A 298 9.95 21.03 -5.79
N ASP A 299 9.48 21.90 -4.92
CA ASP A 299 8.62 22.97 -5.38
C ASP A 299 9.42 24.14 -5.93
N SER A 300 8.72 25.18 -6.32
CA SER A 300 9.35 26.37 -6.90
C SER A 300 10.40 26.99 -6.01
N THR A 301 10.29 26.80 -4.71
CA THR A 301 11.23 27.39 -3.78
C THR A 301 12.32 26.39 -3.42
N GLY A 302 12.38 25.28 -4.15
CA GLY A 302 13.38 24.28 -3.87
C GLY A 302 13.18 23.36 -2.67
N ASN A 303 11.94 23.15 -2.21
CA ASN A 303 11.71 22.26 -1.07
C ASN A 303 11.22 20.90 -1.48
N GLU A 304 11.78 19.87 -0.86
CA GLU A 304 11.37 18.49 -1.17
C GLU A 304 9.97 18.30 -0.61
N ILE A 305 9.01 18.04 -1.47
CA ILE A 305 7.65 17.85 -1.02
C ILE A 305 7.25 16.39 -1.14
N LEU A 306 6.69 15.84 -0.07
CA LEU A 306 6.26 14.45 -0.15
C LEU A 306 4.74 14.40 0.03
N ASP A 307 4.27 14.77 1.22
CA ASP A 307 2.84 14.78 1.53
C ASP A 307 1.97 15.66 0.61
N GLY A 308 0.95 15.05 0.02
CA GLY A 308 0.05 15.78 -0.84
C GLY A 308 0.22 15.36 -2.28
N ARG A 309 1.32 14.66 -2.54
CA ARG A 309 1.61 14.19 -3.88
C ARG A 309 0.85 12.90 -4.16
N ASN A 310 0.61 12.61 -5.42
CA ASN A 310 -0.13 11.41 -5.75
C ASN A 310 0.30 10.75 -7.02
N ASN A 311 -0.43 9.71 -7.36
CA ASN A 311 -0.17 8.92 -8.55
C ASN A 311 -1.36 8.95 -9.50
N LEU A 312 -1.10 9.18 -10.77
CA LEU A 312 -2.13 9.26 -11.78
C LEU A 312 -2.70 7.93 -12.31
N GLY A 313 -2.13 6.79 -11.97
CA GLY A 313 -2.70 5.57 -12.51
C GLY A 313 -1.78 4.39 -12.84
N VAL A 314 -2.36 3.33 -13.38
CA VAL A 314 -1.57 2.16 -13.65
C VAL A 314 -2.00 1.38 -14.85
N VAL A 315 -1.02 0.94 -15.61
CA VAL A 315 -1.29 0.11 -16.76
C VAL A 315 -0.23 -0.96 -16.61
N THR A 316 -0.66 -2.19 -16.46
CA THR A 316 0.28 -3.28 -16.26
C THR A 316 0.53 -4.08 -17.54
N LEU A 317 1.80 -4.41 -17.76
CA LEU A 317 2.22 -5.16 -18.93
C LEU A 317 2.34 -6.63 -18.59
N ASN A 318 1.71 -7.48 -19.38
CA ASN A 318 1.75 -8.92 -19.17
C ASN A 318 3.05 -9.41 -19.78
N LEU A 319 4.11 -9.48 -18.98
CA LEU A 319 5.43 -9.92 -19.49
C LEU A 319 5.42 -11.30 -20.10
N PRO A 320 4.90 -12.29 -19.37
CA PRO A 320 4.87 -13.64 -19.95
C PRO A 320 4.23 -13.60 -21.33
N ARG A 321 3.04 -13.02 -21.41
CA ARG A 321 2.37 -12.94 -22.69
C ARG A 321 3.23 -12.35 -23.82
N ILE A 322 4.26 -11.57 -23.48
CA ILE A 322 5.10 -11.04 -24.54
C ILE A 322 5.88 -12.21 -25.09
N ALA A 323 6.55 -12.94 -24.20
CA ALA A 323 7.33 -14.12 -24.56
C ALA A 323 6.48 -15.20 -25.29
N LEU A 324 5.36 -15.61 -24.69
CA LEU A 324 4.52 -16.61 -25.34
C LEU A 324 4.18 -16.17 -26.76
N ASP A 325 3.70 -14.95 -26.89
CA ASP A 325 3.32 -14.43 -28.20
C ASP A 325 4.49 -14.43 -29.15
N SER A 326 5.70 -14.48 -28.62
CA SER A 326 6.85 -14.46 -29.50
C SER A 326 7.48 -15.84 -29.61
N TYR A 327 6.65 -16.86 -29.63
CA TYR A 327 7.13 -18.20 -29.83
C TYR A 327 6.84 -18.46 -31.29
N ILE A 328 7.66 -19.29 -31.91
CA ILE A 328 7.47 -19.70 -33.28
C ILE A 328 7.39 -21.17 -32.99
N GLY A 329 6.23 -21.75 -33.25
CA GLY A 329 6.07 -23.15 -32.95
C GLY A 329 6.21 -23.32 -31.45
N THR A 330 7.06 -24.26 -31.04
CA THR A 330 7.26 -24.54 -29.63
C THR A 330 8.61 -23.98 -29.24
N GLN A 331 9.07 -23.05 -30.04
CA GLN A 331 10.38 -22.48 -29.85
C GLN A 331 10.38 -20.98 -29.62
N PHE A 332 11.06 -20.51 -28.59
CA PHE A 332 11.10 -19.08 -28.34
C PHE A 332 11.96 -18.38 -29.39
N ASN A 333 11.47 -17.27 -29.95
CA ASN A 333 12.25 -16.52 -30.93
C ASN A 333 12.60 -15.16 -30.32
N GLU A 334 13.87 -15.00 -30.00
CA GLU A 334 14.47 -13.80 -29.40
C GLU A 334 14.19 -12.49 -30.12
N GLN A 335 14.30 -12.49 -31.45
CA GLN A 335 14.08 -11.27 -32.20
C GLN A 335 12.62 -10.88 -32.17
N LYS A 336 11.74 -11.87 -32.24
CA LYS A 336 10.31 -11.58 -32.21
C LYS A 336 9.98 -10.91 -30.89
N PHE A 337 10.65 -11.34 -29.83
CA PHE A 337 10.45 -10.80 -28.50
C PHE A 337 10.83 -9.37 -28.47
N VAL A 338 12.02 -9.08 -28.99
CA VAL A 338 12.50 -7.72 -29.04
C VAL A 338 11.53 -6.89 -29.84
N GLU A 339 10.87 -7.48 -30.82
CA GLU A 339 9.92 -6.69 -31.56
C GLU A 339 8.67 -6.38 -30.73
N LEU A 340 7.99 -7.41 -30.26
CA LEU A 340 6.77 -7.17 -29.50
C LEU A 340 6.99 -6.34 -28.27
N PHE A 341 8.16 -6.50 -27.65
CA PHE A 341 8.44 -5.78 -26.45
C PHE A 341 8.42 -4.30 -26.72
N ASN A 342 9.15 -3.88 -27.75
CA ASN A 342 9.18 -2.48 -28.05
C ASN A 342 7.81 -2.00 -28.44
N GLU A 343 7.07 -2.87 -29.11
CA GLU A 343 5.75 -2.53 -29.57
C GLU A 343 4.76 -2.35 -28.42
N ARG A 344 4.84 -3.25 -27.43
CA ARG A 344 3.94 -3.21 -26.29
C ARG A 344 4.32 -2.12 -25.32
N MET A 345 5.60 -1.77 -25.35
CA MET A 345 6.08 -0.70 -24.50
C MET A 345 5.40 0.61 -24.98
N ASP A 346 5.33 0.80 -26.29
CA ASP A 346 4.70 1.98 -26.83
C ASP A 346 3.20 1.97 -26.53
N LEU A 347 2.61 0.79 -26.65
CA LEU A 347 1.19 0.61 -26.40
C LEU A 347 0.87 1.11 -24.96
N CYS A 348 1.67 0.64 -24.00
CA CYS A 348 1.47 1.02 -22.63
C CYS A 348 1.55 2.54 -22.45
N PHE A 349 2.46 3.17 -23.17
CA PHE A 349 2.62 4.60 -23.05
C PHE A 349 1.38 5.28 -23.61
N GLU A 350 0.84 4.70 -24.67
CA GLU A 350 -0.32 5.30 -25.29
C GLU A 350 -1.52 5.18 -24.37
N ALA A 351 -1.56 4.09 -23.59
CA ALA A 351 -2.67 3.82 -22.68
C ALA A 351 -2.66 4.76 -21.49
N LEU A 352 -1.47 4.94 -20.91
CA LEU A 352 -1.33 5.81 -19.76
C LEU A 352 -1.64 7.24 -20.14
N MET A 353 -1.10 7.64 -21.28
CA MET A 353 -1.27 8.98 -21.79
C MET A 353 -2.74 9.22 -22.12
N CYS A 354 -3.45 8.16 -22.43
CA CYS A 354 -4.85 8.28 -22.75
C CYS A 354 -5.62 8.83 -21.56
N ARG A 355 -5.53 8.13 -20.43
CA ARG A 355 -6.22 8.53 -19.23
C ARG A 355 -5.73 9.87 -18.68
N ILE A 356 -4.41 10.11 -18.73
CA ILE A 356 -3.87 11.36 -18.26
C ILE A 356 -4.50 12.52 -19.03
N SER A 357 -4.71 12.33 -20.33
CA SER A 357 -5.30 13.39 -21.12
C SER A 357 -6.71 13.65 -20.75
N SER A 358 -7.40 12.60 -20.32
CA SER A 358 -8.81 12.72 -19.96
C SER A 358 -8.92 13.75 -18.86
N LEU A 359 -7.79 14.01 -18.19
CA LEU A 359 -7.73 14.96 -17.10
C LEU A 359 -7.75 16.43 -17.49
N LYS A 360 -7.48 16.75 -18.77
CA LYS A 360 -7.50 18.14 -19.23
C LYS A 360 -8.90 18.69 -19.11
N GLY A 361 -9.00 19.95 -18.67
CA GLY A 361 -10.31 20.57 -18.52
C GLY A 361 -10.94 20.37 -17.16
N VAL A 362 -10.69 19.23 -16.52
CA VAL A 362 -11.27 19.00 -15.21
C VAL A 362 -10.95 20.09 -14.19
N LYS A 363 -11.98 20.60 -13.50
CA LYS A 363 -11.78 21.65 -12.49
C LYS A 363 -11.71 21.11 -11.06
N ALA A 364 -11.24 21.95 -10.15
CA ALA A 364 -11.07 21.55 -8.77
C ALA A 364 -12.41 21.27 -8.07
N THR A 365 -13.49 21.69 -8.72
CA THR A 365 -14.83 21.50 -8.18
C THR A 365 -15.18 20.02 -8.06
N VAL A 366 -14.40 19.21 -8.75
CA VAL A 366 -14.55 17.75 -8.81
C VAL A 366 -14.24 16.97 -7.52
N ALA A 367 -13.49 17.57 -6.61
CA ALA A 367 -13.13 16.89 -5.38
C ALA A 367 -12.53 17.90 -4.43
N PRO A 368 -13.38 18.67 -3.74
CA PRO A 368 -12.81 19.65 -2.84
C PRO A 368 -11.77 19.20 -1.79
N ILE A 369 -12.02 18.17 -0.97
CA ILE A 369 -10.97 17.87 0.00
C ILE A 369 -9.65 17.60 -0.66
N LEU A 370 -9.63 17.10 -1.90
CA LEU A 370 -8.31 16.87 -2.52
C LEU A 370 -7.66 18.14 -3.03
N TYR A 371 -8.34 18.85 -3.92
CA TYR A 371 -7.80 20.04 -4.55
C TYR A 371 -8.00 21.43 -3.92
N GLN A 372 -8.95 21.57 -3.01
CA GLN A 372 -9.23 22.89 -2.44
C GLN A 372 -8.85 23.02 -0.99
N GLU A 373 -9.08 21.96 -0.24
CA GLU A 373 -8.71 21.97 1.15
C GLU A 373 -7.33 21.29 1.21
N GLY A 374 -6.88 20.91 2.39
CA GLY A 374 -5.53 20.37 2.43
C GLY A 374 -4.92 19.13 1.75
N ALA A 375 -5.69 18.06 1.58
CA ALA A 375 -5.23 16.80 1.04
C ALA A 375 -4.07 16.79 0.08
N PHE A 376 -4.20 17.36 -1.10
CA PHE A 376 -3.09 17.32 -2.03
C PHE A 376 -1.98 18.36 -1.82
N GLY A 377 -1.93 18.93 -0.63
CA GLY A 377 -0.88 19.87 -0.31
C GLY A 377 -0.95 21.27 -0.89
N VAL A 378 -1.95 21.57 -1.68
CA VAL A 378 -2.09 22.92 -2.23
C VAL A 378 -3.55 23.29 -2.12
N ARG A 379 -3.84 24.54 -2.45
CA ARG A 379 -5.19 24.98 -2.38
C ARG A 379 -5.46 25.69 -3.68
N LEU A 380 -6.13 24.97 -4.58
CA LEU A 380 -6.53 25.45 -5.89
C LEU A 380 -7.85 26.19 -5.74
N LYS A 381 -8.13 27.12 -6.64
CA LYS A 381 -9.42 27.79 -6.61
C LYS A 381 -10.33 26.72 -7.23
N PRO A 382 -11.64 26.88 -7.11
CA PRO A 382 -12.59 25.91 -7.66
C PRO A 382 -12.49 25.74 -9.16
N ASP A 383 -12.40 26.87 -9.85
CA ASP A 383 -12.31 26.93 -11.31
C ASP A 383 -10.90 26.72 -11.88
N ASP A 384 -9.96 26.23 -11.07
CA ASP A 384 -8.62 25.97 -11.56
C ASP A 384 -8.62 24.58 -12.21
N ASP A 385 -7.78 24.34 -13.20
CA ASP A 385 -7.68 23.02 -13.80
C ASP A 385 -6.88 22.16 -12.81
N ILE A 386 -7.22 20.87 -12.67
CA ILE A 386 -6.45 20.06 -11.75
C ILE A 386 -5.22 19.45 -12.41
N ILE A 387 -5.21 19.35 -13.74
CA ILE A 387 -4.08 18.72 -14.43
C ILE A 387 -2.70 19.34 -14.18
N GLU A 388 -2.65 20.66 -13.98
CA GLU A 388 -1.37 21.35 -13.75
C GLU A 388 -0.68 20.93 -12.47
N LEU A 389 -1.47 20.64 -11.46
CA LEU A 389 -0.92 20.23 -10.18
C LEU A 389 -0.08 18.98 -10.30
N PHE A 390 -0.34 18.15 -11.33
CA PHE A 390 0.41 16.89 -11.48
C PHE A 390 1.63 16.93 -12.42
N LYS A 391 1.70 17.95 -13.25
CA LYS A 391 2.78 18.04 -14.20
C LYS A 391 4.16 18.23 -13.60
N ASN A 392 5.14 18.10 -14.47
CA ASN A 392 6.55 18.29 -14.16
C ASN A 392 7.08 17.57 -12.96
N GLY A 393 6.68 16.31 -12.83
CA GLY A 393 7.15 15.44 -11.78
C GLY A 393 6.51 15.38 -10.43
N ARG A 394 5.52 16.22 -10.16
CA ARG A 394 4.94 16.19 -8.83
C ARG A 394 4.26 14.85 -8.68
N SER A 395 3.40 14.50 -9.62
CA SER A 395 2.70 13.22 -9.56
C SER A 395 3.50 12.14 -10.28
N SER A 396 3.32 10.90 -9.83
CA SER A 396 3.98 9.79 -10.51
C SER A 396 2.95 9.04 -11.41
N VAL A 397 3.42 8.22 -12.34
CA VAL A 397 2.50 7.44 -13.21
C VAL A 397 3.05 6.01 -13.26
N SER A 398 2.18 5.01 -13.24
CA SER A 398 2.70 3.66 -13.19
C SER A 398 2.75 2.74 -14.39
N LEU A 399 3.94 2.22 -14.70
CA LEU A 399 4.04 1.23 -15.78
C LEU A 399 4.24 -0.03 -14.95
N GLY A 400 3.20 -0.85 -14.87
CA GLY A 400 3.25 -2.07 -14.11
C GLY A 400 3.68 -3.28 -14.93
N TYR A 401 4.24 -4.26 -14.22
CA TYR A 401 4.66 -5.48 -14.85
C TYR A 401 4.36 -6.59 -13.88
N ILE A 402 4.42 -7.82 -14.36
CA ILE A 402 4.14 -8.94 -13.52
C ILE A 402 4.74 -10.19 -14.13
N GLY A 403 5.00 -11.19 -13.29
CA GLY A 403 5.52 -12.48 -13.71
C GLY A 403 6.92 -12.63 -14.25
N ILE A 404 7.89 -11.99 -13.61
CA ILE A 404 9.25 -12.09 -14.09
C ILE A 404 9.69 -13.55 -14.10
N HIS A 405 9.17 -14.32 -13.16
CA HIS A 405 9.48 -15.74 -13.08
C HIS A 405 9.03 -16.49 -14.35
N GLU A 406 7.72 -16.51 -14.61
CA GLU A 406 7.24 -17.21 -15.78
C GLU A 406 7.94 -16.75 -17.06
N LEU A 407 8.30 -15.48 -17.11
CA LEU A 407 9.00 -14.92 -18.27
C LEU A 407 10.34 -15.64 -18.44
N ASN A 408 11.10 -15.72 -17.35
CA ASN A 408 12.40 -16.38 -17.36
C ASN A 408 12.24 -17.77 -17.92
N ILE A 409 11.28 -18.49 -17.35
CA ILE A 409 11.00 -19.84 -17.81
C ILE A 409 10.68 -19.86 -19.30
N LEU A 410 9.93 -18.88 -19.79
CA LEU A 410 9.63 -18.88 -21.21
C LEU A 410 10.84 -18.53 -22.11
N VAL A 411 11.71 -17.63 -21.66
CA VAL A 411 12.86 -17.26 -22.47
C VAL A 411 14.07 -18.13 -22.22
N GLY A 412 14.06 -18.84 -21.09
CA GLY A 412 15.17 -19.73 -20.81
C GLY A 412 16.32 -19.24 -19.96
N ARG A 413 16.22 -18.02 -19.44
CA ARG A 413 17.26 -17.50 -18.57
C ARG A 413 16.66 -16.34 -17.82
N ASP A 414 17.24 -16.02 -16.67
CA ASP A 414 16.78 -14.89 -15.88
C ASP A 414 17.14 -13.64 -16.69
N ILE A 415 16.13 -12.90 -17.12
CA ILE A 415 16.34 -11.65 -17.85
C ILE A 415 15.65 -10.55 -17.02
N GLY A 416 15.16 -10.93 -15.85
CA GLY A 416 14.46 -10.00 -14.98
C GLY A 416 15.17 -8.70 -14.68
N ARG A 417 16.32 -8.78 -14.03
CA ARG A 417 17.04 -7.57 -13.70
C ARG A 417 17.23 -6.72 -14.92
N GLU A 418 17.42 -7.33 -16.08
CA GLU A 418 17.68 -6.53 -17.27
C GLU A 418 16.54 -6.02 -18.10
N ILE A 419 15.40 -6.72 -18.08
CA ILE A 419 14.27 -6.27 -18.88
C ILE A 419 13.65 -5.11 -18.12
N LEU A 420 13.66 -5.24 -16.81
CA LEU A 420 13.11 -4.20 -15.98
C LEU A 420 13.98 -2.99 -16.28
N THR A 421 15.28 -3.21 -16.46
CA THR A 421 16.16 -2.10 -16.77
C THR A 421 15.88 -1.55 -18.18
N LYS A 422 15.65 -2.40 -19.19
CA LYS A 422 15.36 -1.83 -20.52
C LYS A 422 14.08 -1.01 -20.35
N MET A 423 13.26 -1.36 -19.36
CA MET A 423 12.02 -0.62 -19.18
C MET A 423 12.23 0.75 -18.58
N ASN A 424 13.10 0.87 -17.60
CA ASN A 424 13.31 2.18 -17.02
C ASN A 424 13.77 3.13 -18.10
N ALA A 425 14.48 2.59 -19.07
CA ALA A 425 15.01 3.36 -20.17
C ALA A 425 13.90 4.04 -20.92
N HIS A 426 12.88 3.27 -21.28
CA HIS A 426 11.73 3.84 -21.99
C HIS A 426 11.08 4.86 -21.08
N LEU A 427 10.83 4.44 -19.85
CA LEU A 427 10.17 5.26 -18.87
C LEU A 427 10.84 6.63 -18.86
N LYS A 428 12.17 6.63 -18.75
CA LYS A 428 12.90 7.89 -18.75
C LYS A 428 12.62 8.72 -20.02
N GLN A 429 12.51 8.06 -21.16
CA GLN A 429 12.25 8.85 -22.34
C GLN A 429 10.89 9.49 -22.24
N TRP A 430 9.93 8.73 -21.72
CA TRP A 430 8.55 9.21 -21.60
C TRP A 430 8.47 10.44 -20.73
N THR A 431 9.14 10.35 -19.59
CA THR A 431 9.17 11.44 -18.65
C THR A 431 9.65 12.69 -19.31
N GLU A 432 10.72 12.54 -20.11
CA GLU A 432 11.33 13.65 -20.81
C GLU A 432 10.45 14.21 -21.93
N ARG A 433 9.68 13.35 -22.58
CA ARG A 433 8.83 13.84 -23.63
C ARG A 433 7.53 14.45 -23.13
N THR A 434 6.99 13.92 -22.03
CA THR A 434 5.70 14.36 -21.51
C THR A 434 5.79 15.24 -20.28
N GLY A 435 6.86 15.09 -19.53
CA GLY A 435 6.95 15.88 -18.32
C GLY A 435 6.30 15.17 -17.16
N PHE A 436 5.73 13.99 -17.39
CA PHE A 436 5.13 13.28 -16.28
C PHE A 436 6.16 12.33 -15.74
N ALA A 437 6.21 12.19 -14.43
CA ALA A 437 7.18 11.31 -13.78
C ALA A 437 6.81 9.84 -13.77
N PHE A 438 7.02 9.14 -14.91
CA PHE A 438 6.71 7.70 -15.01
C PHE A 438 7.69 6.82 -14.26
N SER A 439 7.22 5.72 -13.68
CA SER A 439 8.13 4.82 -13.01
C SER A 439 7.67 3.37 -13.01
N LEU A 440 8.64 2.45 -12.86
CA LEU A 440 8.38 1.02 -12.84
C LEU A 440 7.62 0.56 -11.60
N TYR A 441 6.41 0.06 -11.80
CA TYR A 441 5.59 -0.36 -10.66
C TYR A 441 5.37 -1.86 -10.62
N SER A 442 5.75 -2.46 -9.50
CA SER A 442 5.52 -3.88 -9.41
C SER A 442 4.10 -4.11 -8.86
N THR A 443 3.14 -4.06 -9.79
CA THR A 443 1.71 -4.25 -9.57
C THR A 443 1.45 -5.30 -8.51
N PRO A 444 0.59 -4.96 -7.53
CA PRO A 444 0.28 -5.93 -6.47
C PRO A 444 -0.43 -7.13 -7.05
N ALA A 445 -1.34 -6.86 -7.98
CA ALA A 445 -2.07 -7.92 -8.65
C ALA A 445 -2.60 -9.02 -7.74
N GLU A 446 -3.45 -8.66 -6.79
CA GLU A 446 -4.09 -9.63 -5.90
C GLU A 446 -5.02 -10.41 -6.83
N ASN A 447 -5.58 -9.66 -7.78
CA ASN A 447 -6.53 -10.14 -8.78
C ASN A 447 -5.89 -10.50 -10.15
N LEU A 448 -5.10 -9.57 -10.70
CA LEU A 448 -4.46 -9.74 -12.01
C LEU A 448 -3.66 -11.04 -12.12
N CYS A 449 -3.07 -11.50 -11.03
CA CYS A 449 -2.29 -12.74 -11.09
C CYS A 449 -3.06 -13.89 -11.69
N TYR A 450 -4.39 -13.84 -11.64
CA TYR A 450 -5.20 -14.91 -12.21
C TYR A 450 -5.70 -14.54 -13.58
N ARG A 451 -6.27 -13.35 -13.71
CA ARG A 451 -6.79 -12.92 -15.01
C ARG A 451 -5.81 -13.12 -16.17
N PHE A 452 -4.60 -12.57 -16.06
CA PHE A 452 -3.62 -12.72 -17.15
C PHE A 452 -3.40 -14.17 -17.53
N CYS A 453 -3.12 -14.98 -16.52
CA CYS A 453 -2.88 -16.40 -16.71
C CYS A 453 -4.06 -17.02 -17.42
N LYS A 454 -5.25 -16.67 -16.96
CA LYS A 454 -6.45 -17.20 -17.56
C LYS A 454 -6.64 -16.74 -19.01
N LEU A 455 -6.42 -15.46 -19.29
CA LEU A 455 -6.55 -14.99 -20.65
C LEU A 455 -5.48 -15.61 -21.55
N ASP A 456 -4.32 -15.88 -20.98
CA ASP A 456 -3.22 -16.47 -21.75
C ASP A 456 -3.50 -17.94 -21.97
N THR A 457 -4.07 -18.58 -20.94
CA THR A 457 -4.39 -19.98 -21.05
C THR A 457 -5.44 -20.12 -22.14
N GLU A 458 -6.29 -19.12 -22.28
CA GLU A 458 -7.33 -19.19 -23.29
C GLU A 458 -6.77 -19.36 -24.66
N LYS A 459 -5.57 -18.84 -24.89
CA LYS A 459 -4.91 -18.92 -26.20
C LYS A 459 -3.83 -20.01 -26.31
N TYR A 460 -3.10 -20.24 -25.24
CA TYR A 460 -2.02 -21.21 -25.26
C TYR A 460 -2.26 -22.47 -24.42
N GLY A 461 -3.47 -22.70 -23.96
CA GLY A 461 -3.68 -23.90 -23.16
C GLY A 461 -2.83 -23.95 -21.90
N SER A 462 -2.51 -25.14 -21.40
CA SER A 462 -1.73 -25.24 -20.18
C SER A 462 -0.22 -25.39 -20.34
N VAL A 463 0.48 -24.26 -20.50
CA VAL A 463 1.93 -24.27 -20.67
C VAL A 463 2.69 -24.63 -19.38
N LYS A 464 3.39 -25.75 -19.40
CA LYS A 464 4.15 -26.24 -18.26
C LYS A 464 4.94 -25.17 -17.50
N ASP A 465 4.71 -25.13 -16.19
CA ASP A 465 5.36 -24.18 -15.30
C ASP A 465 4.96 -22.72 -15.43
N VAL A 466 4.20 -22.42 -16.47
CA VAL A 466 3.75 -21.07 -16.71
C VAL A 466 2.27 -20.90 -16.39
N THR A 467 1.41 -21.12 -17.39
CA THR A 467 -0.03 -20.98 -17.20
C THR A 467 -0.66 -22.18 -16.50
N ASP A 468 0.11 -23.23 -16.33
CA ASP A 468 -0.37 -24.47 -15.71
C ASP A 468 -0.83 -24.34 -14.29
N LYS A 469 -0.10 -23.62 -13.46
CA LYS A 469 -0.48 -23.48 -12.06
C LYS A 469 -1.74 -22.64 -11.85
N GLY A 470 -2.15 -21.88 -12.88
CA GLY A 470 -3.35 -21.05 -12.80
C GLY A 470 -3.14 -19.56 -12.59
N TRP A 471 -1.95 -19.16 -12.15
CA TRP A 471 -1.63 -17.76 -11.88
C TRP A 471 -0.15 -17.41 -12.19
N TYR A 472 0.17 -16.12 -12.25
CA TYR A 472 1.56 -15.69 -12.48
C TYR A 472 2.12 -15.15 -11.17
N THR A 473 3.45 -15.24 -11.01
CA THR A 473 4.11 -14.76 -9.82
C THR A 473 4.20 -13.24 -9.83
N ASN A 474 4.00 -12.64 -8.67
CA ASN A 474 4.04 -11.20 -8.56
C ASN A 474 5.36 -10.59 -9.04
N SER A 475 5.24 -9.55 -9.86
CA SER A 475 6.41 -8.85 -10.33
C SER A 475 7.73 -9.65 -10.44
N PHE A 476 8.68 -9.37 -9.55
CA PHE A 476 9.98 -10.02 -9.55
C PHE A 476 10.14 -10.96 -8.37
N HIS A 477 9.04 -11.44 -7.82
CA HIS A 477 9.15 -12.31 -6.66
C HIS A 477 9.60 -13.69 -7.05
N VAL A 478 10.32 -14.35 -6.13
CA VAL A 478 10.78 -15.71 -6.38
C VAL A 478 9.53 -16.56 -6.41
N SER A 479 9.53 -17.67 -7.14
CA SER A 479 8.32 -18.49 -7.16
C SER A 479 8.05 -19.12 -5.81
N VAL A 480 6.77 -19.25 -5.49
CA VAL A 480 6.38 -19.83 -4.22
C VAL A 480 6.90 -21.26 -4.20
N GLU A 481 6.55 -21.99 -5.25
CA GLU A 481 6.93 -23.37 -5.40
C GLU A 481 8.44 -23.53 -5.40
N GLU A 482 9.20 -22.44 -5.24
CA GLU A 482 10.64 -22.63 -5.20
C GLU A 482 10.89 -22.96 -3.75
N ASN A 483 12.10 -23.40 -3.40
CA ASN A 483 12.38 -23.77 -2.02
C ASN A 483 13.61 -23.10 -1.41
N ILE A 484 13.60 -21.78 -1.25
CA ILE A 484 14.78 -21.11 -0.68
C ILE A 484 14.66 -20.67 0.77
N THR A 485 15.77 -20.13 1.25
CA THR A 485 15.90 -19.63 2.60
C THR A 485 15.44 -18.21 2.69
N PRO A 486 14.74 -17.86 3.79
CA PRO A 486 14.31 -16.47 3.88
C PRO A 486 15.46 -15.57 3.45
N PHE A 487 16.64 -15.79 4.00
CA PHE A 487 17.79 -14.95 3.64
C PHE A 487 18.16 -15.01 2.19
N GLU A 488 18.03 -16.19 1.59
CA GLU A 488 18.38 -16.34 0.19
C GLU A 488 17.36 -15.61 -0.72
N LYS A 489 16.08 -15.76 -0.38
CA LYS A 489 14.99 -15.12 -1.09
C LYS A 489 15.15 -13.60 -1.07
N ILE A 490 15.34 -12.99 0.10
CA ILE A 490 15.47 -11.55 0.12
C ILE A 490 16.69 -11.12 -0.70
N SER A 491 17.73 -11.94 -0.69
CA SER A 491 18.94 -11.63 -1.44
C SER A 491 18.72 -11.69 -2.95
N ARG A 492 17.92 -12.64 -3.38
CA ARG A 492 17.61 -12.76 -4.80
C ARG A 492 16.68 -11.64 -5.28
N GLU A 493 15.87 -11.08 -4.37
CA GLU A 493 14.93 -10.02 -4.75
C GLU A 493 15.49 -8.62 -4.60
N ALA A 494 16.18 -8.37 -3.48
CA ALA A 494 16.75 -7.05 -3.16
C ALA A 494 17.18 -6.19 -4.35
N PRO A 495 17.90 -6.76 -5.31
CA PRO A 495 18.26 -5.84 -6.39
C PRO A 495 17.08 -5.18 -7.09
N TYR A 496 15.95 -5.86 -7.17
CA TYR A 496 14.79 -5.29 -7.84
C TYR A 496 14.23 -4.07 -7.12
N HIS A 497 14.36 -4.05 -5.78
CA HIS A 497 13.90 -2.92 -5.03
C HIS A 497 14.61 -1.67 -5.55
N PHE A 498 15.72 -1.85 -6.24
CA PHE A 498 16.47 -0.71 -6.81
C PHE A 498 16.22 -0.46 -8.28
N ILE A 499 15.54 -1.39 -8.95
CA ILE A 499 15.25 -1.20 -10.36
C ILE A 499 13.82 -0.73 -10.59
N ALA A 500 12.86 -1.43 -9.95
CA ALA A 500 11.44 -1.12 -10.04
C ALA A 500 11.13 -0.12 -8.96
N THR A 501 11.62 1.09 -9.14
CA THR A 501 11.46 2.14 -8.14
C THR A 501 10.08 2.69 -7.90
N GLY A 502 9.16 2.45 -8.83
CA GLY A 502 7.81 2.97 -8.67
C GLY A 502 6.99 2.29 -7.59
N GLY A 503 7.42 1.09 -7.22
CA GLY A 503 6.71 0.35 -6.20
C GLY A 503 7.38 -0.97 -6.12
N HIS A 504 7.47 -1.55 -4.94
CA HIS A 504 8.16 -2.83 -4.82
C HIS A 504 8.04 -3.27 -3.39
N ILE A 505 8.11 -4.58 -3.16
CA ILE A 505 8.07 -5.12 -1.81
C ILE A 505 8.50 -6.57 -1.87
N SER A 506 8.99 -7.07 -0.73
CA SER A 506 9.40 -8.47 -0.63
C SER A 506 8.83 -9.08 0.63
N TYR A 507 8.45 -10.34 0.49
CA TYR A 507 7.89 -11.12 1.59
C TYR A 507 8.74 -12.34 1.73
N VAL A 508 8.64 -12.95 2.89
CA VAL A 508 9.32 -14.20 3.16
C VAL A 508 8.34 -14.93 4.08
N GLU A 509 8.24 -16.25 3.93
CA GLU A 509 7.34 -17.05 4.76
C GLU A 509 8.06 -17.67 5.98
N LEU A 510 7.47 -17.54 7.15
CA LEU A 510 8.04 -18.13 8.36
C LEU A 510 6.88 -18.78 9.08
N PRO A 511 7.16 -19.79 9.92
CA PRO A 511 6.13 -20.49 10.68
C PRO A 511 5.79 -19.60 11.87
N ASP A 512 4.92 -20.07 12.77
CA ASP A 512 4.57 -19.23 13.91
C ASP A 512 5.86 -18.70 14.52
N MET A 513 5.87 -17.42 14.86
CA MET A 513 7.06 -16.84 15.44
C MET A 513 6.68 -16.18 16.74
N LYS A 514 5.41 -16.26 17.12
CA LYS A 514 4.96 -15.62 18.35
C LYS A 514 6.03 -15.61 19.45
N ASN A 515 6.73 -16.74 19.63
CA ASN A 515 7.82 -16.81 20.63
C ASN A 515 9.14 -17.20 19.96
N ASN A 516 9.68 -16.29 19.18
CA ASN A 516 10.92 -16.51 18.47
C ASN A 516 11.25 -15.17 17.83
N LEU A 517 10.76 -14.11 18.46
CA LEU A 517 10.98 -12.78 17.95
C LEU A 517 12.43 -12.50 17.57
N LYS A 518 13.38 -13.29 18.06
CA LYS A 518 14.77 -13.03 17.71
C LYS A 518 15.04 -13.48 16.28
N GLY A 519 14.43 -14.61 15.89
CA GLY A 519 14.59 -15.13 14.54
C GLY A 519 13.85 -14.26 13.55
N LEU A 520 12.69 -13.79 13.97
CA LEU A 520 11.86 -12.91 13.16
C LEU A 520 12.71 -11.65 12.98
N GLU A 521 13.25 -11.13 14.07
CA GLU A 521 14.07 -9.93 14.01
C GLU A 521 15.32 -10.12 13.16
N ALA A 522 15.69 -11.38 12.94
CA ALA A 522 16.87 -11.67 12.14
C ALA A 522 16.59 -11.45 10.66
N VAL A 523 15.38 -11.81 10.21
CA VAL A 523 15.07 -11.58 8.81
C VAL A 523 14.88 -10.07 8.65
N TRP A 524 14.14 -9.45 9.56
CA TRP A 524 13.93 -8.00 9.47
C TRP A 524 15.24 -7.30 9.34
N ASP A 525 16.16 -7.69 10.22
CA ASP A 525 17.46 -7.08 10.21
C ASP A 525 18.19 -7.31 8.89
N TYR A 526 18.19 -8.55 8.42
CA TYR A 526 18.88 -8.86 7.19
C TYR A 526 18.25 -8.07 6.05
N ALA A 527 16.92 -8.04 6.02
CA ALA A 527 16.16 -7.34 4.99
C ALA A 527 16.41 -5.84 4.99
N ALA A 528 16.24 -5.25 6.17
CA ALA A 528 16.44 -3.81 6.34
C ALA A 528 17.80 -3.38 5.82
N GLN A 529 18.71 -4.35 5.73
CA GLN A 529 20.04 -4.10 5.22
C GLN A 529 20.11 -4.14 3.68
N HIS A 530 19.61 -5.23 3.09
CA HIS A 530 19.67 -5.42 1.65
C HIS A 530 18.56 -4.88 0.76
N LEU A 531 17.35 -4.75 1.27
CA LEU A 531 16.31 -4.19 0.44
C LEU A 531 15.57 -3.01 1.08
N ASP A 532 14.52 -2.57 0.40
CA ASP A 532 13.71 -1.42 0.80
C ASP A 532 12.41 -1.71 1.54
N TYR A 533 11.39 -2.16 0.85
CA TYR A 533 10.11 -2.40 1.51
C TYR A 533 9.94 -3.88 1.82
N PHE A 534 9.77 -4.20 3.10
CA PHE A 534 9.72 -5.58 3.48
C PHE A 534 8.58 -5.96 4.38
N GLY A 535 8.12 -7.18 4.19
CA GLY A 535 7.03 -7.70 4.98
C GLY A 535 7.25 -9.19 5.07
N VAL A 536 6.98 -9.73 6.24
CA VAL A 536 7.12 -11.16 6.46
C VAL A 536 5.76 -11.67 6.85
N ASN A 537 5.24 -12.63 6.07
CA ASN A 537 3.97 -13.18 6.42
C ASN A 537 4.06 -14.62 6.91
N MET A 538 3.49 -14.80 8.09
CA MET A 538 3.46 -16.07 8.76
C MET A 538 2.00 -16.26 9.20
N PRO A 539 1.63 -17.47 9.61
CA PRO A 539 0.27 -17.78 10.03
C PRO A 539 -0.18 -17.04 11.28
N VAL A 540 -1.32 -16.36 11.19
CA VAL A 540 -1.87 -15.65 12.33
C VAL A 540 -3.35 -16.07 12.51
N ASP A 541 -3.53 -17.13 13.30
CA ASP A 541 -4.85 -17.68 13.58
C ASP A 541 -5.26 -17.54 15.03
N LYS A 542 -6.56 -17.67 15.29
CA LYS A 542 -7.11 -17.57 16.64
C LYS A 542 -8.39 -18.39 16.74
N CYS A 543 -8.43 -19.34 17.67
CA CYS A 543 -9.64 -20.14 17.89
C CYS A 543 -10.47 -19.36 18.92
N PHE A 544 -11.75 -19.12 18.63
CA PHE A 544 -12.59 -18.38 19.56
C PHE A 544 -13.07 -19.27 20.70
N THR A 545 -13.41 -20.53 20.38
CA THR A 545 -13.87 -21.45 21.40
C THR A 545 -12.74 -21.83 22.38
N CYS A 546 -11.57 -22.21 21.87
CA CYS A 546 -10.49 -22.57 22.77
C CYS A 546 -9.40 -21.53 23.00
N GLY A 547 -9.39 -20.46 22.20
CA GLY A 547 -8.38 -19.42 22.36
C GLY A 547 -6.96 -19.87 22.02
N SER A 548 -6.79 -20.53 20.89
CA SER A 548 -5.49 -21.04 20.50
C SER A 548 -4.82 -20.19 19.41
N THR A 549 -3.76 -19.48 19.79
CA THR A 549 -3.02 -18.66 18.84
C THR A 549 -2.02 -19.54 18.07
N HIS A 550 -2.48 -20.72 17.67
CA HIS A 550 -1.64 -21.65 16.93
C HIS A 550 -2.20 -21.85 15.53
N GLU A 551 -1.30 -22.12 14.61
CA GLU A 551 -1.68 -22.33 13.24
C GLU A 551 -2.71 -23.45 13.15
N MET A 552 -3.90 -23.12 12.66
CA MET A 552 -4.92 -24.14 12.49
C MET A 552 -4.37 -25.07 11.42
N THR A 553 -4.76 -26.33 11.44
CA THR A 553 -4.27 -27.25 10.41
C THR A 553 -5.35 -27.32 9.34
N PRO A 554 -4.97 -27.08 8.08
CA PRO A 554 -5.89 -27.08 6.94
C PRO A 554 -6.63 -28.39 6.64
N THR A 555 -7.93 -28.27 6.40
CA THR A 555 -8.79 -29.41 6.08
C THR A 555 -9.25 -29.24 4.64
N GLU A 556 -9.70 -30.34 4.04
CA GLU A 556 -10.19 -30.33 2.68
C GLU A 556 -11.46 -29.48 2.71
N ASN A 557 -11.76 -29.00 3.92
CA ASN A 557 -12.94 -28.19 4.17
C ASN A 557 -12.66 -27.13 5.24
N GLY A 558 -11.56 -26.38 5.09
CA GLY A 558 -11.27 -25.33 6.04
C GLY A 558 -10.24 -25.63 7.10
N PHE A 559 -10.19 -24.78 8.11
CA PHE A 559 -9.22 -24.94 9.19
C PHE A 559 -9.80 -25.66 10.41
N VAL A 560 -8.95 -26.45 11.07
CA VAL A 560 -9.37 -27.17 12.25
C VAL A 560 -8.42 -26.83 13.37
N CYS A 561 -8.97 -26.62 14.56
CA CYS A 561 -8.15 -26.30 15.72
C CYS A 561 -7.48 -27.58 16.20
N SER A 562 -6.15 -27.56 16.26
CA SER A 562 -5.40 -28.72 16.72
C SER A 562 -5.81 -29.04 18.14
N ILE A 563 -5.54 -28.11 19.05
CA ILE A 563 -5.85 -28.30 20.46
C ILE A 563 -7.24 -27.85 20.94
N CYS A 564 -8.29 -28.42 20.33
CA CYS A 564 -9.71 -28.17 20.65
C CYS A 564 -10.65 -28.63 19.53
N GLY A 565 -10.06 -29.17 18.45
CA GLY A 565 -10.82 -29.67 17.32
C GLY A 565 -11.82 -28.75 16.63
N GLU A 566 -11.90 -27.49 17.06
CA GLU A 566 -12.84 -26.52 16.49
C GLU A 566 -12.75 -26.43 14.96
N THR A 567 -13.90 -26.36 14.31
CA THR A 567 -13.89 -26.28 12.84
C THR A 567 -14.82 -25.21 12.29
N ASP A 568 -15.93 -24.95 12.98
CA ASP A 568 -16.86 -23.94 12.52
C ASP A 568 -16.11 -22.64 12.28
N PRO A 569 -16.11 -22.17 11.03
CA PRO A 569 -15.42 -20.93 10.67
C PRO A 569 -15.76 -19.74 11.57
N LYS A 570 -17.03 -19.58 11.90
CA LYS A 570 -17.46 -18.46 12.74
C LYS A 570 -16.83 -18.44 14.15
N LYS A 571 -16.23 -19.55 14.54
CA LYS A 571 -15.61 -19.67 15.85
C LYS A 571 -14.10 -19.45 15.82
N MET A 572 -13.63 -18.78 14.78
CA MET A 572 -12.20 -18.51 14.63
C MET A 572 -11.93 -17.37 13.65
N ASN A 573 -10.74 -16.82 13.72
CA ASN A 573 -10.30 -15.74 12.84
C ASN A 573 -8.99 -16.25 12.21
N THR A 574 -9.03 -16.60 10.93
CA THR A 574 -7.81 -17.12 10.26
C THR A 574 -7.27 -16.25 9.10
N ILE A 575 -6.30 -15.39 9.42
CA ILE A 575 -5.68 -14.46 8.47
C ILE A 575 -4.39 -14.96 7.79
N ARG A 576 -4.24 -14.69 6.50
CA ARG A 576 -3.05 -15.09 5.73
C ARG A 576 -2.80 -14.10 4.58
N ARG A 577 -1.57 -13.59 4.47
CA ARG A 577 -1.25 -12.66 3.38
C ARG A 577 -0.74 -13.43 2.17
N THR A 578 -1.67 -14.10 1.49
CA THR A 578 -1.36 -14.90 0.32
C THR A 578 -0.90 -14.09 -0.90
N CYS A 579 -1.29 -12.82 -1.01
CA CYS A 579 -0.90 -12.00 -2.17
C CYS A 579 -0.45 -10.52 -1.95
N ALA A 580 -1.33 -9.68 -1.43
CA ALA A 580 -0.99 -8.28 -1.19
C ALA A 580 -1.65 -7.85 0.10
N TYR A 581 -2.86 -8.33 0.32
CA TYR A 581 -3.62 -8.03 1.52
C TYR A 581 -3.74 -9.27 2.37
N LEU A 582 -4.24 -9.07 3.58
CA LEU A 582 -4.48 -10.20 4.45
C LEU A 582 -5.93 -10.52 4.24
N GLY A 583 -6.33 -11.72 4.64
CA GLY A 583 -7.71 -12.13 4.47
C GLY A 583 -7.81 -13.55 4.98
N ASN A 584 -9.04 -14.04 5.11
CA ASN A 584 -9.28 -15.40 5.57
C ASN A 584 -9.29 -16.28 4.32
N PRO A 585 -8.27 -17.12 4.15
CA PRO A 585 -8.25 -17.98 2.96
C PRO A 585 -9.38 -19.00 2.81
N ASN A 586 -10.35 -18.98 3.74
CA ASN A 586 -11.50 -19.90 3.66
C ASN A 586 -12.63 -19.30 2.81
N GLU A 587 -12.33 -18.18 2.15
CA GLU A 587 -13.29 -17.54 1.26
C GLU A 587 -12.61 -17.38 -0.09
N ARG A 588 -12.41 -18.51 -0.76
CA ARG A 588 -11.80 -18.57 -2.08
C ARG A 588 -11.44 -20.03 -2.42
N GLY A 589 -11.71 -20.41 -3.67
CA GLY A 589 -11.42 -21.77 -4.13
C GLY A 589 -11.99 -21.98 -5.51
#